data_1X54
#
_entry.id   1X54
#
_cell.length_a   126.071
_cell.length_b   68.221
_cell.length_c   75.706
_cell.angle_alpha   90.00
_cell.angle_beta   117.18
_cell.angle_gamma   90.00
#
_symmetry.space_group_name_H-M   'C 1 2 1'
#
loop_
_entity.id
_entity.type
_entity.pdbx_description
1 polymer 'Asparaginyl-tRNA synthetase'
2 non-polymer 'MAGNESIUM ION'
3 non-polymer "4-AMINO-1,4-DIOXOBUTAN-2-AMINIUM ADENOSINE-5'-MONOPHOSPHATE"
4 non-polymer (4S)-2-METHYL-2,4-PENTANEDIOL
5 water water
#
_entity_poly.entity_id   1
_entity_poly.type   'polypeptide(L)'
_entity_poly.pdbx_seq_one_letter_code
;MIEKVYCQEVKPELDGKKVRLAGWVYTNMRVGKKIFLWIRDSTGIVQAVVAKNVVGEETFEKAKKLGRESSVIVEGIVKA
DERAPGGAEVHVEKLEVIQAVSEFPIPENPEQASPELLLDYRHLHIRTPKASAIMKVKETLIMAAREWLLKDGWHEVFPP
ILVTGAVEGGATLFKLKYFDKYAYLSQSAQLYLEAAIFGLEKVWSLTPSFRAEKSRTRRHLTEFWHLELEAAWMDLWDIM
KVEEELVSYMVQRTLELRKKEIEMFRDDLTTLKNTEPPFPRISYDEAIDILQSKGVNVEWGDDLGADEERVLTEEFDRPF
FVYGYPKHIKAFYMKEDPNDPRKVLASDMLAPEGYGEIIGGSQREDDYDKLLNRILEEGMDPKDYEWYLDLRRYGSVPHS
GFGLGVERLVAWVLKLDHIRWAALFPRTPARLYP
;
_entity_poly.pdbx_strand_id   A
#
loop_
_chem_comp.id
_chem_comp.type
_chem_comp.name
_chem_comp.formula
4AD non-polymer '4-AMINO-1,4-DIOXOBUTAN-2-AMINIUM ADENOSINE-5'-MONOPHOSPHATE' 'C14 H21 N7 O9 P 1'
MG non-polymer 'MAGNESIUM ION' 'Mg 2'
MPD non-polymer (4S)-2-METHYL-2,4-PENTANEDIOL 'C6 H14 O2'
#
# COMPACT_ATOMS: atom_id res chain seq x y z
N MET A 1 11.64 -25.28 19.72
CA MET A 1 11.94 -23.88 20.14
C MET A 1 11.53 -23.66 21.58
N ILE A 2 12.44 -23.08 22.37
CA ILE A 2 12.06 -22.62 23.70
C ILE A 2 11.15 -21.38 23.51
N GLU A 3 9.94 -21.47 24.06
CA GLU A 3 8.92 -20.48 23.77
C GLU A 3 9.25 -19.14 24.40
N LYS A 4 8.87 -18.07 23.71
CA LYS A 4 9.07 -16.71 24.20
C LYS A 4 7.74 -16.09 24.60
N VAL A 5 7.83 -15.05 25.42
CA VAL A 5 6.72 -14.20 25.77
C VAL A 5 6.92 -12.90 25.00
N TYR A 6 5.90 -12.51 24.24
CA TYR A 6 5.99 -11.26 23.47
C TYR A 6 5.88 -10.06 24.36
N CYS A 7 6.51 -8.97 23.96
CA CYS A 7 6.48 -7.75 24.80
C CYS A 7 5.07 -7.32 25.16
N GLN A 8 4.15 -7.40 24.21
CA GLN A 8 2.75 -6.99 24.46
C GLN A 8 2.06 -7.82 25.55
N GLU A 9 2.62 -9.00 25.85
CA GLU A 9 2.04 -9.89 26.85
C GLU A 9 2.50 -9.55 28.27
N VAL A 10 3.52 -8.71 28.39
CA VAL A 10 4.06 -8.36 29.70
C VAL A 10 3.16 -7.29 30.32
N LYS A 11 2.25 -7.79 31.17
CA LYS A 11 1.17 -7.01 31.76
C LYS A 11 1.22 -7.14 33.28
N PRO A 12 0.65 -6.18 34.02
CA PRO A 12 0.65 -6.23 35.49
C PRO A 12 0.09 -7.52 36.07
N GLU A 13 -0.86 -8.15 35.37
CA GLU A 13 -1.46 -9.40 35.86
C GLU A 13 -0.48 -10.57 35.91
N LEU A 14 0.66 -10.43 35.24
CA LEU A 14 1.71 -11.45 35.29
C LEU A 14 2.67 -11.24 36.46
N ASP A 15 2.37 -10.31 37.34
CA ASP A 15 3.22 -10.06 38.52
C ASP A 15 3.63 -11.39 39.17
N GLY A 16 4.93 -11.59 39.34
CA GLY A 16 5.46 -12.78 40.02
C GLY A 16 5.75 -13.98 39.13
N LYS A 17 5.44 -13.85 37.85
CA LYS A 17 5.61 -14.94 36.90
C LYS A 17 6.92 -14.81 36.11
N LYS A 18 7.52 -15.95 35.80
CA LYS A 18 8.69 -16.02 34.96
C LYS A 18 8.33 -15.85 33.49
N VAL A 19 9.11 -15.03 32.79
CA VAL A 19 8.94 -14.88 31.35
C VAL A 19 10.30 -14.95 30.67
N ARG A 20 10.29 -15.31 29.38
CA ARG A 20 11.47 -15.33 28.55
C ARG A 20 11.21 -14.37 27.40
N LEU A 21 11.88 -13.23 27.41
CA LEU A 21 11.82 -12.30 26.28
C LEU A 21 12.86 -12.61 25.25
N ALA A 22 12.57 -12.27 23.99
CA ALA A 22 13.55 -12.44 22.93
C ALA A 22 13.37 -11.27 21.97
N GLY A 23 14.41 -10.46 21.82
CA GLY A 23 14.28 -9.29 20.96
C GLY A 23 15.56 -8.52 20.88
N TRP A 24 15.41 -7.21 20.74
CA TRP A 24 16.54 -6.33 20.43
C TRP A 24 16.54 -5.12 21.35
N VAL A 25 17.73 -4.72 21.77
CA VAL A 25 17.82 -3.56 22.66
C VAL A 25 17.33 -2.30 21.93
N TYR A 26 16.39 -1.61 22.56
CA TYR A 26 15.86 -0.35 22.08
C TYR A 26 16.59 0.83 22.73
N THR A 27 16.72 0.77 24.05
CA THR A 27 17.53 1.74 24.79
C THR A 27 18.21 1.05 25.96
N ASN A 28 19.28 1.67 26.44
CA ASN A 28 20.07 1.14 27.55
C ASN A 28 20.44 2.35 28.38
N MET A 29 19.92 2.40 29.61
CA MET A 29 20.19 3.53 30.51
C MET A 29 20.47 3.04 31.91
N ARG A 30 21.42 3.68 32.57
CA ARG A 30 21.67 3.41 33.97
C ARG A 30 20.68 4.23 34.79
N VAL A 31 19.96 3.56 35.67
CA VAL A 31 19.00 4.23 36.54
C VAL A 31 19.35 3.80 37.96
N GLY A 32 19.79 4.76 38.77
CA GLY A 32 20.36 4.45 40.05
C GLY A 32 21.56 3.53 39.86
N LYS A 33 21.54 2.42 40.60
CA LYS A 33 22.60 1.42 40.54
C LYS A 33 22.35 0.35 39.46
N LYS A 34 21.22 0.43 38.78
CA LYS A 34 20.78 -0.64 37.88
C LYS A 34 20.88 -0.24 36.42
N ILE A 35 20.89 -1.25 35.56
CA ILE A 35 20.79 -1.02 34.12
C ILE A 35 19.38 -1.33 33.65
N PHE A 36 18.75 -0.35 33.01
CA PHE A 36 17.43 -0.58 32.42
C PHE A 36 17.63 -0.79 30.94
N LEU A 37 17.31 -2.00 30.47
CA LEU A 37 17.31 -2.30 29.04
C LEU A 37 15.88 -2.29 28.57
N TRP A 38 15.53 -1.40 27.64
CA TRP A 38 14.22 -1.51 27.01
C TRP A 38 14.41 -2.43 25.83
N ILE A 39 13.61 -3.50 25.78
CA ILE A 39 13.76 -4.52 24.75
C ILE A 39 12.58 -4.46 23.81
N ARG A 40 12.86 -4.33 22.51
CA ARG A 40 11.78 -4.31 21.55
C ARG A 40 11.60 -5.67 20.88
N ASP A 41 10.36 -5.99 20.56
CA ASP A 41 10.10 -7.06 19.61
C ASP A 41 9.02 -6.56 18.66
N SER A 42 8.41 -7.47 17.91
CA SER A 42 7.45 -7.05 16.91
C SER A 42 6.15 -6.52 17.51
N THR A 43 6.00 -6.65 18.83
CA THR A 43 4.72 -6.31 19.49
C THR A 43 4.81 -5.15 20.48
N GLY A 44 6.02 -4.74 20.82
CA GLY A 44 6.16 -3.61 21.75
C GLY A 44 7.52 -3.57 22.40
N ILE A 45 7.61 -2.80 23.48
CA ILE A 45 8.86 -2.57 24.17
C ILE A 45 8.64 -2.80 25.66
N VAL A 46 9.52 -3.58 26.28
CA VAL A 46 9.42 -3.88 27.71
C VAL A 46 10.69 -3.46 28.43
N GLN A 47 10.52 -2.90 29.63
CA GLN A 47 11.65 -2.54 30.47
C GLN A 47 12.16 -3.75 31.24
N ALA A 48 13.42 -4.10 31.00
CA ALA A 48 14.10 -5.19 31.68
C ALA A 48 15.16 -4.59 32.61
N VAL A 49 15.03 -4.89 33.89
CA VAL A 49 15.89 -4.31 34.92
C VAL A 49 17.00 -5.27 35.30
N VAL A 50 18.24 -4.83 35.14
CA VAL A 50 19.42 -5.68 35.35
C VAL A 50 20.17 -5.16 36.58
N ALA A 51 20.22 -5.97 37.62
CA ALA A 51 20.85 -5.59 38.87
C ALA A 51 22.11 -6.42 39.07
N LYS A 52 23.22 -5.74 39.37
CA LYS A 52 24.52 -6.39 39.51
C LYS A 52 24.51 -7.52 40.54
N ASN A 53 23.83 -7.29 41.67
CA ASN A 53 23.83 -8.29 42.75
C ASN A 53 22.93 -9.49 42.47
N VAL A 54 22.19 -9.43 41.37
CA VAL A 54 21.35 -10.55 40.92
C VAL A 54 22.00 -11.33 39.77
N VAL A 55 22.48 -10.62 38.75
CA VAL A 55 23.05 -11.29 37.60
C VAL A 55 24.55 -11.56 37.71
N GLY A 56 25.23 -10.88 38.63
CA GLY A 56 26.68 -11.03 38.79
C GLY A 56 27.46 -10.04 37.95
N GLU A 57 28.71 -9.80 38.35
CA GLU A 57 29.58 -8.80 37.71
C GLU A 57 29.75 -9.02 36.21
N GLU A 58 29.99 -10.27 35.80
CA GLU A 58 30.27 -10.55 34.39
C GLU A 58 29.08 -10.17 33.48
N THR A 59 27.89 -10.61 33.85
CA THR A 59 26.68 -10.29 33.10
C THR A 59 26.38 -8.79 33.15
N PHE A 60 26.60 -8.18 34.31
CA PHE A 60 26.32 -6.76 34.48
C PHE A 60 27.19 -5.94 33.54
N GLU A 61 28.47 -6.31 33.47
CA GLU A 61 29.40 -5.62 32.58
C GLU A 61 29.03 -5.81 31.11
N LYS A 62 28.55 -7.00 30.76
CA LYS A 62 28.11 -7.27 29.39
C LYS A 62 26.91 -6.38 29.06
N ALA A 63 26.00 -6.25 30.02
CA ALA A 63 24.78 -5.44 29.84
C ALA A 63 25.11 -3.98 29.60
N LYS A 64 26.15 -3.47 30.26
CA LYS A 64 26.58 -2.07 30.05
C LYS A 64 26.93 -1.79 28.61
N LYS A 65 27.42 -2.80 27.90
CA LYS A 65 27.96 -2.60 26.56
C LYS A 65 26.94 -2.79 25.43
N LEU A 66 25.69 -3.08 25.78
CA LEU A 66 24.69 -3.36 24.76
C LEU A 66 24.09 -2.09 24.19
N GLY A 67 24.41 -1.82 22.93
CA GLY A 67 23.84 -0.70 22.23
C GLY A 67 22.57 -1.11 21.49
N ARG A 68 21.98 -0.14 20.81
CA ARG A 68 20.75 -0.34 20.06
C ARG A 68 20.92 -1.46 19.05
N GLU A 69 19.89 -2.30 19.00
CA GLU A 69 19.78 -3.46 18.11
C GLU A 69 20.61 -4.67 18.51
N SER A 70 21.26 -4.61 19.69
CA SER A 70 21.83 -5.83 20.23
C SER A 70 20.74 -6.89 20.38
N SER A 71 21.00 -8.10 19.91
CA SER A 71 20.01 -9.17 20.04
C SER A 71 20.24 -9.92 21.34
N VAL A 72 19.15 -10.13 22.08
CA VAL A 72 19.20 -10.69 23.43
C VAL A 72 18.05 -11.63 23.74
N ILE A 73 18.32 -12.60 24.63
CA ILE A 73 17.29 -13.36 25.31
C ILE A 73 17.36 -12.98 26.77
N VAL A 74 16.21 -12.68 27.36
CA VAL A 74 16.15 -12.24 28.74
C VAL A 74 15.16 -13.12 29.50
N GLU A 75 15.60 -13.76 30.57
CA GLU A 75 14.67 -14.47 31.44
C GLU A 75 14.58 -13.72 32.76
N GLY A 76 13.38 -13.54 33.26
CA GLY A 76 13.22 -12.88 34.54
C GLY A 76 11.80 -12.93 35.04
N ILE A 77 11.55 -12.19 36.11
CA ILE A 77 10.28 -12.21 36.81
C ILE A 77 9.58 -10.88 36.56
N VAL A 78 8.31 -10.94 36.17
CA VAL A 78 7.52 -9.75 35.93
C VAL A 78 7.18 -9.11 37.27
N LYS A 79 7.34 -7.79 37.35
CA LYS A 79 6.88 -7.04 38.50
C LYS A 79 5.95 -5.93 38.03
N ALA A 80 4.74 -5.88 38.59
CA ALA A 80 3.82 -4.79 38.30
C ALA A 80 4.35 -3.50 38.93
N ASP A 81 4.47 -2.46 38.12
CA ASP A 81 4.95 -1.15 38.56
C ASP A 81 4.40 -0.10 37.62
N GLU A 82 3.62 0.82 38.18
CA GLU A 82 2.97 1.88 37.41
C GLU A 82 3.95 2.82 36.70
N ARG A 83 5.17 2.94 37.22
CA ARG A 83 6.19 3.79 36.58
C ARG A 83 6.78 3.17 35.32
N ALA A 84 6.72 1.85 35.21
CA ALA A 84 7.27 1.16 34.05
C ALA A 84 6.33 1.23 32.84
N PRO A 85 6.90 1.21 31.63
CA PRO A 85 6.11 1.08 30.40
C PRO A 85 5.15 -0.11 30.45
N GLY A 86 3.90 0.11 30.09
CA GLY A 86 2.89 -0.96 30.14
C GLY A 86 2.47 -1.40 31.54
N GLY A 87 2.98 -0.69 32.57
CA GLY A 87 2.63 -0.99 33.96
C GLY A 87 3.34 -2.20 34.55
N ALA A 88 4.33 -2.73 33.84
CA ALA A 88 5.02 -3.96 34.26
C ALA A 88 6.41 -4.06 33.66
N GLU A 89 7.37 -4.42 34.50
CA GLU A 89 8.76 -4.57 34.08
C GLU A 89 9.23 -5.99 34.37
N VAL A 90 10.39 -6.35 33.84
CA VAL A 90 10.96 -7.68 34.07
C VAL A 90 12.24 -7.54 34.88
N HIS A 91 12.30 -8.23 36.02
CA HIS A 91 13.52 -8.26 36.82
C HIS A 91 14.38 -9.39 36.31
N VAL A 92 15.47 -9.03 35.66
CA VAL A 92 16.29 -9.98 34.92
C VAL A 92 17.02 -10.96 35.84
N GLU A 93 16.87 -12.24 35.53
CA GLU A 93 17.62 -13.29 36.24
C GLU A 93 18.75 -13.81 35.36
N LYS A 94 18.48 -13.92 34.06
CA LYS A 94 19.44 -14.42 33.09
C LYS A 94 19.41 -13.53 31.84
N LEU A 95 20.59 -13.14 31.37
CA LEU A 95 20.71 -12.40 30.12
C LEU A 95 21.66 -13.15 29.20
N GLU A 96 21.16 -13.55 28.03
CA GLU A 96 21.98 -14.14 26.98
C GLU A 96 22.12 -13.11 25.88
N VAL A 97 23.34 -12.69 25.65
CA VAL A 97 23.64 -11.79 24.56
C VAL A 97 23.89 -12.63 23.32
N ILE A 98 23.03 -12.47 22.32
CA ILE A 98 23.24 -13.19 21.07
C ILE A 98 24.26 -12.46 20.24
N GLN A 99 24.01 -11.17 19.96
CA GLN A 99 25.01 -10.33 19.34
C GLN A 99 24.91 -8.90 19.87
N ALA A 100 25.99 -8.44 20.50
CA ALA A 100 26.11 -7.04 20.90
C ALA A 100 26.33 -6.14 19.68
N VAL A 101 25.66 -4.98 19.69
CA VAL A 101 25.75 -4.00 18.63
C VAL A 101 25.99 -2.64 19.27
N SER A 102 26.87 -1.85 18.67
CA SER A 102 27.09 -0.49 19.15
C SER A 102 26.95 0.60 18.08
N GLU A 103 26.95 0.21 16.80
CA GLU A 103 26.95 1.20 15.71
C GLU A 103 25.82 1.00 14.69
N PHE A 104 24.60 0.80 15.17
CA PHE A 104 23.47 0.69 14.25
C PHE A 104 23.36 1.98 13.42
N PRO A 105 23.40 1.88 12.10
CA PRO A 105 23.45 3.07 11.22
C PRO A 105 22.18 3.89 11.03
N ILE A 106 21.02 3.41 11.50
CA ILE A 106 19.80 4.22 11.49
C ILE A 106 19.72 4.94 12.85
N PRO A 107 19.57 6.27 12.86
CA PRO A 107 19.42 7.01 14.12
C PRO A 107 18.14 6.62 14.87
N GLU A 108 18.12 6.79 16.19
CA GLU A 108 16.96 6.40 17.01
C GLU A 108 15.65 7.08 16.57
N ASN A 109 15.77 8.34 16.12
CA ASN A 109 14.71 8.98 15.36
C ASN A 109 15.16 9.03 13.90
N PRO A 110 14.71 8.06 13.10
CA PRO A 110 15.16 7.93 11.71
C PRO A 110 14.97 9.19 10.88
N GLU A 111 13.96 9.99 11.20
CA GLU A 111 13.67 11.19 10.40
C GLU A 111 14.62 12.36 10.70
N GLN A 112 15.63 12.11 11.53
CA GLN A 112 16.77 13.02 11.66
C GLN A 112 17.84 12.72 10.63
N ALA A 113 17.76 11.54 10.01
CA ALA A 113 18.63 11.16 8.90
C ALA A 113 18.10 11.66 7.56
N SER A 114 18.99 11.84 6.59
CA SER A 114 18.60 12.07 5.21
C SER A 114 17.77 10.90 4.68
N PRO A 115 16.69 11.17 3.97
CA PRO A 115 15.92 10.06 3.37
C PRO A 115 16.78 9.18 2.48
N GLU A 116 17.80 9.75 1.84
CA GLU A 116 18.70 8.95 1.01
C GLU A 116 19.50 7.92 1.82
N LEU A 117 19.86 8.26 3.06
CA LEU A 117 20.55 7.31 3.93
C LEU A 117 19.59 6.18 4.33
N LEU A 118 18.36 6.55 4.65
CA LEU A 118 17.36 5.56 5.04
C LEU A 118 17.10 4.58 3.91
N LEU A 119 17.04 5.08 2.68
CA LEU A 119 16.88 4.21 1.52
C LEU A 119 18.12 3.37 1.23
N ASP A 120 19.32 3.94 1.39
CA ASP A 120 20.55 3.17 1.25
C ASP A 120 20.57 1.99 2.23
N TYR A 121 19.99 2.20 3.41
CA TYR A 121 19.93 1.17 4.44
C TYR A 121 18.49 0.71 4.65
N ARG A 122 17.73 0.60 3.56
CA ARG A 122 16.31 0.27 3.67
C ARG A 122 16.07 -1.03 4.43
N HIS A 123 16.96 -2.00 4.21
CA HIS A 123 16.86 -3.29 4.88
C HIS A 123 16.93 -3.18 6.40
N LEU A 124 17.59 -2.14 6.90
CA LEU A 124 17.65 -1.85 8.35
C LEU A 124 16.53 -0.90 8.78
N HIS A 125 16.22 0.07 7.92
CA HIS A 125 15.17 1.03 8.21
C HIS A 125 13.80 0.34 8.46
N ILE A 126 13.51 -0.74 7.75
CA ILE A 126 12.18 -1.36 7.89
C ILE A 126 11.93 -1.96 9.27
N ARG A 127 12.97 -2.17 10.07
CA ARG A 127 12.72 -2.75 11.39
C ARG A 127 12.32 -1.70 12.42
N THR A 128 12.45 -0.42 12.06
CA THR A 128 12.20 0.65 13.03
C THR A 128 10.69 0.89 13.20
N PRO A 129 10.23 1.38 14.34
CA PRO A 129 8.79 1.41 14.64
C PRO A 129 7.86 2.07 13.62
N LYS A 130 8.20 3.24 13.10
CA LYS A 130 7.32 3.89 12.12
C LYS A 130 7.24 3.12 10.81
N ALA A 131 8.39 2.65 10.33
CA ALA A 131 8.41 1.90 9.09
C ALA A 131 7.63 0.60 9.26
N SER A 132 7.78 -0.09 10.40
CA SER A 132 7.04 -1.31 10.64
C SER A 132 5.53 -1.04 10.75
N ALA A 133 5.17 0.12 11.33
CA ALA A 133 3.76 0.51 11.46
C ALA A 133 3.11 0.64 10.07
N ILE A 134 3.84 1.21 9.13
CA ILE A 134 3.35 1.31 7.74
C ILE A 134 3.07 -0.09 7.18
N MET A 135 3.97 -1.04 7.43
CA MET A 135 3.76 -2.40 6.90
C MET A 135 2.57 -3.10 7.58
N LYS A 136 2.33 -2.84 8.86
CA LYS A 136 1.15 -3.39 9.56
C LYS A 136 -0.14 -2.78 9.00
N VAL A 137 -0.13 -1.48 8.72
CA VAL A 137 -1.26 -0.85 8.06
C VAL A 137 -1.54 -1.44 6.69
N LYS A 138 -0.46 -1.61 5.90
CA LYS A 138 -0.57 -2.16 4.54
C LYS A 138 -1.19 -3.57 4.59
N GLU A 139 -0.65 -4.44 5.46
CA GLU A 139 -1.20 -5.81 5.51
C GLU A 139 -2.67 -5.80 5.95
N THR A 140 -3.06 -4.86 6.84
CA THR A 140 -4.44 -4.80 7.33
C THR A 140 -5.40 -4.32 6.25
N LEU A 141 -5.00 -3.29 5.50
CA LEU A 141 -5.82 -2.84 4.37
C LEU A 141 -6.07 -4.00 3.41
N ILE A 142 -5.03 -4.76 3.13
CA ILE A 142 -5.19 -5.87 2.18
C ILE A 142 -6.02 -7.02 2.77
N MET A 143 -5.79 -7.34 4.04
CA MET A 143 -6.65 -8.32 4.69
C MET A 143 -8.11 -7.90 4.58
N ALA A 144 -8.37 -6.63 4.82
CA ALA A 144 -9.74 -6.11 4.78
C ALA A 144 -10.33 -6.28 3.38
N ALA A 145 -9.51 -5.98 2.35
CA ALA A 145 -9.99 -6.16 0.97
C ALA A 145 -10.39 -7.61 0.77
N ARG A 146 -9.54 -8.55 1.18
CA ARG A 146 -9.86 -9.96 0.95
C ARG A 146 -11.13 -10.40 1.70
N GLU A 147 -11.35 -9.85 2.90
CA GLU A 147 -12.58 -10.15 3.64
C GLU A 147 -13.80 -9.71 2.82
N TRP A 148 -13.73 -8.48 2.29
CA TRP A 148 -14.84 -7.91 1.51
C TRP A 148 -15.06 -8.72 0.23
N LEU A 149 -13.97 -9.05 -0.45
CA LEU A 149 -14.04 -9.76 -1.74
C LEU A 149 -14.64 -11.15 -1.56
N LEU A 150 -14.27 -11.83 -0.48
CA LEU A 150 -14.82 -13.16 -0.18
C LEU A 150 -16.31 -13.04 0.09
N LYS A 151 -16.67 -12.12 0.99
CA LYS A 151 -18.09 -12.00 1.39
C LYS A 151 -18.97 -11.64 0.19
N ASP A 152 -18.46 -10.78 -0.69
CA ASP A 152 -19.23 -10.33 -1.84
C ASP A 152 -19.17 -11.28 -3.04
N GLY A 153 -18.46 -12.40 -2.90
CA GLY A 153 -18.52 -13.46 -3.91
C GLY A 153 -17.61 -13.32 -5.11
N TRP A 154 -16.43 -12.72 -4.93
CA TRP A 154 -15.46 -12.60 -6.01
C TRP A 154 -14.47 -13.76 -5.91
N HIS A 155 -13.93 -14.18 -7.06
CA HIS A 155 -12.95 -15.25 -7.12
C HIS A 155 -11.57 -14.68 -7.29
N GLU A 156 -10.63 -15.15 -6.50
CA GLU A 156 -9.24 -14.73 -6.66
C GLU A 156 -8.56 -15.55 -7.76
N VAL A 157 -7.85 -14.86 -8.65
CA VAL A 157 -7.03 -15.52 -9.68
C VAL A 157 -5.59 -15.00 -9.64
N PHE A 158 -4.71 -15.70 -10.36
CA PHE A 158 -3.27 -15.47 -10.30
C PHE A 158 -2.76 -15.27 -11.73
N PRO A 159 -2.94 -14.06 -12.23
CA PRO A 159 -2.65 -13.75 -13.64
C PRO A 159 -1.16 -13.65 -13.94
N PRO A 160 -0.81 -13.64 -15.22
CA PRO A 160 0.60 -13.62 -15.61
C PRO A 160 1.27 -12.26 -15.45
N ILE A 161 2.56 -12.32 -15.16
CA ILE A 161 3.39 -11.12 -15.12
C ILE A 161 4.18 -10.92 -16.42
N LEU A 162 4.65 -12.02 -17.01
CA LEU A 162 5.32 -11.95 -18.32
C LEU A 162 4.25 -11.95 -19.40
N VAL A 163 4.25 -10.89 -20.21
CA VAL A 163 3.16 -10.66 -21.18
C VAL A 163 3.71 -10.15 -22.51
N THR A 164 2.82 -10.03 -23.49
CA THR A 164 3.21 -9.47 -24.81
C THR A 164 2.42 -8.24 -25.23
N GLY A 165 1.54 -7.74 -24.36
CA GLY A 165 0.69 -6.61 -24.70
C GLY A 165 0.74 -5.48 -23.69
N ALA A 166 0.80 -4.24 -24.19
CA ALA A 166 0.68 -3.07 -23.33
C ALA A 166 -0.81 -2.88 -22.97
N VAL A 167 -1.08 -2.64 -21.70
CA VAL A 167 -2.43 -2.33 -21.24
C VAL A 167 -2.57 -0.83 -21.11
N GLU A 168 -1.50 -0.19 -20.68
CA GLU A 168 -1.54 1.23 -20.36
C GLU A 168 -0.48 2.03 -21.13
N GLY A 169 -0.24 1.64 -22.38
CA GLY A 169 0.64 2.38 -23.28
C GLY A 169 2.05 1.84 -23.34
N GLY A 170 2.70 1.97 -24.49
CA GLY A 170 4.05 1.44 -24.68
C GLY A 170 5.14 2.24 -23.98
N ALA A 171 4.85 3.50 -23.67
CA ALA A 171 5.85 4.40 -23.07
C ALA A 171 6.41 3.91 -21.73
N THR A 172 5.61 3.17 -20.95
CA THR A 172 6.04 2.72 -19.62
C THR A 172 6.22 1.20 -19.52
N LEU A 173 6.57 0.55 -20.63
CA LEU A 173 6.77 -0.90 -20.65
C LEU A 173 8.23 -1.31 -20.43
N PHE A 174 8.46 -2.23 -19.49
CA PHE A 174 9.77 -2.86 -19.39
C PHE A 174 9.81 -4.06 -20.33
N LYS A 175 10.87 -4.14 -21.13
CA LYS A 175 11.08 -5.24 -22.05
C LYS A 175 12.25 -6.12 -21.58
N LEU A 176 12.16 -7.41 -21.80
CA LEU A 176 13.28 -8.31 -21.46
C LEU A 176 13.43 -9.45 -22.47
N LYS A 177 14.65 -10.00 -22.55
CA LYS A 177 14.90 -11.18 -23.35
C LYS A 177 14.29 -12.39 -22.63
N TYR A 178 13.59 -13.22 -23.41
CA TYR A 178 12.92 -14.41 -22.91
C TYR A 178 13.23 -15.58 -23.84
N PHE A 179 14.32 -16.26 -23.54
CA PHE A 179 14.84 -17.35 -24.36
C PHE A 179 15.02 -16.86 -25.80
N ASP A 180 14.25 -17.41 -26.75
CA ASP A 180 14.36 -17.04 -28.16
C ASP A 180 13.45 -15.87 -28.55
N LYS A 181 12.77 -15.28 -27.56
CA LYS A 181 11.88 -14.16 -27.84
C LYS A 181 12.04 -12.99 -26.86
N TYR A 182 11.10 -12.05 -26.91
CA TYR A 182 11.06 -10.96 -25.96
C TYR A 182 9.73 -10.95 -25.21
N ALA A 183 9.79 -10.54 -23.96
CA ALA A 183 8.61 -10.41 -23.11
C ALA A 183 8.56 -9.01 -22.52
N TYR A 184 7.38 -8.60 -22.06
CA TYR A 184 7.23 -7.38 -21.29
C TYR A 184 6.81 -7.76 -19.87
N LEU A 185 7.09 -6.87 -18.93
CA LEU A 185 6.54 -6.98 -17.59
C LEU A 185 5.16 -6.33 -17.55
N SER A 186 4.18 -7.06 -17.01
CA SER A 186 2.81 -6.58 -16.92
C SER A 186 2.68 -5.21 -16.26
N GLN A 187 1.96 -4.31 -16.91
CA GLN A 187 1.56 -3.04 -16.30
C GLN A 187 0.28 -3.16 -15.47
N SER A 188 -0.44 -4.26 -15.67
CA SER A 188 -1.80 -4.43 -15.16
C SER A 188 -2.29 -5.81 -15.62
N ALA A 189 -3.01 -6.51 -14.76
CA ALA A 189 -3.54 -7.84 -15.12
C ALA A 189 -4.88 -7.78 -15.83
N GLN A 190 -5.37 -6.56 -16.08
CA GLN A 190 -6.73 -6.35 -16.53
C GLN A 190 -7.16 -7.27 -17.69
N LEU A 191 -6.33 -7.36 -18.71
CA LEU A 191 -6.81 -8.04 -19.92
C LEU A 191 -7.03 -9.51 -19.64
N TYR A 192 -6.19 -10.06 -18.77
CA TYR A 192 -6.33 -11.46 -18.35
C TYR A 192 -7.52 -11.68 -17.42
N LEU A 193 -7.81 -10.68 -16.57
CA LEU A 193 -9.04 -10.74 -15.76
C LEU A 193 -10.27 -10.73 -16.65
N GLU A 194 -10.20 -9.98 -17.75
CA GLU A 194 -11.33 -9.97 -18.69
C GLU A 194 -11.55 -11.36 -19.30
N ALA A 195 -10.47 -12.10 -19.55
CA ALA A 195 -10.66 -13.47 -20.04
C ALA A 195 -11.33 -14.33 -18.97
N ALA A 196 -10.91 -14.12 -17.72
CA ALA A 196 -11.33 -14.96 -16.61
C ALA A 196 -12.80 -14.77 -16.20
N ILE A 197 -13.39 -13.60 -16.50
CA ILE A 197 -14.80 -13.41 -16.10
C ILE A 197 -15.75 -14.36 -16.85
N PHE A 198 -15.31 -14.88 -18.02
CA PHE A 198 -16.18 -15.77 -18.79
C PHE A 198 -16.38 -17.12 -18.13
N GLY A 199 -15.46 -17.49 -17.25
CA GLY A 199 -15.61 -18.70 -16.45
C GLY A 199 -16.08 -18.45 -15.03
N LEU A 200 -15.65 -17.31 -14.45
CA LEU A 200 -15.83 -17.07 -13.02
C LEU A 200 -16.68 -15.85 -12.66
N GLU A 201 -17.06 -15.07 -13.66
CA GLU A 201 -17.96 -13.89 -13.55
C GLU A 201 -17.44 -12.69 -12.78
N LYS A 202 -16.98 -12.92 -11.54
CA LYS A 202 -16.45 -11.84 -10.69
C LYS A 202 -15.09 -12.29 -10.21
N VAL A 203 -14.04 -11.59 -10.66
CA VAL A 203 -12.68 -12.01 -10.36
C VAL A 203 -11.85 -10.84 -9.84
N TRP A 204 -10.79 -11.20 -9.12
CA TRP A 204 -9.84 -10.20 -8.67
C TRP A 204 -8.45 -10.79 -8.60
N SER A 205 -7.47 -9.91 -8.60
CA SER A 205 -6.09 -10.34 -8.40
C SER A 205 -5.31 -9.26 -7.65
N LEU A 206 -4.26 -9.69 -6.93
CA LEU A 206 -3.30 -8.76 -6.37
C LEU A 206 -1.93 -9.12 -6.92
N THR A 207 -1.37 -8.23 -7.75
CA THR A 207 -0.10 -8.54 -8.42
C THR A 207 0.79 -7.34 -8.40
N PRO A 208 2.09 -7.58 -8.55
CA PRO A 208 3.01 -6.48 -8.79
C PRO A 208 2.86 -6.06 -10.25
N SER A 209 2.75 -4.75 -10.43
CA SER A 209 2.69 -4.14 -11.76
C SER A 209 3.91 -3.26 -11.96
N PHE A 210 4.31 -3.11 -13.23
CA PHE A 210 5.60 -2.53 -13.54
C PHE A 210 5.40 -1.41 -14.51
N ARG A 211 5.96 -0.24 -14.18
CA ARG A 211 5.81 0.94 -15.01
C ARG A 211 7.16 1.60 -15.19
N ALA A 212 7.63 1.64 -16.43
CA ALA A 212 8.93 2.24 -16.72
C ALA A 212 8.73 3.75 -16.83
N GLU A 213 8.38 4.36 -15.70
CA GLU A 213 8.03 5.76 -15.61
C GLU A 213 9.30 6.51 -15.24
N LYS A 214 9.75 7.36 -16.16
CA LYS A 214 11.00 8.12 -15.99
C LYS A 214 10.89 9.23 -14.96
N SER A 215 9.70 9.83 -14.88
CA SER A 215 9.45 10.96 -13.99
C SER A 215 9.48 10.54 -12.51
N ARG A 216 10.35 11.20 -11.73
CA ARG A 216 10.62 10.80 -10.35
C ARG A 216 9.76 11.53 -9.32
N THR A 217 8.45 11.36 -9.42
CA THR A 217 7.51 12.09 -8.55
C THR A 217 7.38 11.43 -7.16
N ARG A 218 6.54 12.04 -6.33
CA ARG A 218 6.22 11.49 -5.01
C ARG A 218 5.07 10.50 -5.07
N ARG A 219 4.48 10.31 -6.26
CA ARG A 219 3.32 9.41 -6.42
C ARG A 219 3.57 8.23 -7.37
N HIS A 220 4.78 8.10 -7.86
CA HIS A 220 5.10 7.02 -8.82
C HIS A 220 6.20 6.10 -8.31
N LEU A 221 5.95 4.80 -8.45
CA LEU A 221 6.98 3.78 -8.28
C LEU A 221 7.14 3.09 -9.61
N THR A 222 8.23 2.37 -9.82
CA THR A 222 8.39 1.60 -11.06
C THR A 222 7.83 0.18 -10.91
N GLU A 223 7.58 -0.19 -9.65
CA GLU A 223 6.97 -1.48 -9.30
C GLU A 223 6.00 -1.19 -8.17
N PHE A 224 4.76 -1.61 -8.31
CA PHE A 224 3.78 -1.34 -7.25
C PHE A 224 2.78 -2.49 -7.15
N TRP A 225 2.06 -2.56 -6.03
CA TRP A 225 1.07 -3.62 -5.84
C TRP A 225 -0.30 -3.11 -6.27
N HIS A 226 -0.95 -3.93 -7.09
CA HIS A 226 -2.09 -3.50 -7.88
C HIS A 226 -3.24 -4.47 -7.59
N LEU A 227 -4.29 -3.98 -6.93
CA LEU A 227 -5.47 -4.80 -6.59
C LEU A 227 -6.50 -4.53 -7.67
N GLU A 228 -6.83 -5.56 -8.46
CA GLU A 228 -7.68 -5.36 -9.62
C GLU A 228 -8.89 -6.25 -9.57
N LEU A 229 -10.03 -5.71 -9.98
CA LEU A 229 -11.30 -6.44 -10.03
C LEU A 229 -11.87 -6.33 -11.43
N GLU A 230 -12.57 -7.37 -11.87
CA GLU A 230 -13.29 -7.32 -13.15
C GLU A 230 -14.56 -8.13 -13.00
N ALA A 231 -15.66 -7.64 -13.58
CA ALA A 231 -16.96 -8.32 -13.39
C ALA A 231 -17.80 -8.31 -14.65
N ALA A 232 -18.23 -9.50 -15.06
CA ALA A 232 -19.29 -9.64 -16.05
C ALA A 232 -20.55 -8.89 -15.59
N TRP A 233 -21.31 -8.41 -16.58
CA TRP A 233 -22.66 -7.83 -16.42
C TRP A 233 -22.67 -6.42 -15.89
N MET A 234 -21.60 -5.99 -15.25
CA MET A 234 -21.57 -4.68 -14.61
C MET A 234 -21.21 -3.59 -15.57
N ASP A 235 -21.92 -2.46 -15.48
CA ASP A 235 -21.56 -1.25 -16.21
C ASP A 235 -20.72 -0.31 -15.35
N LEU A 236 -20.40 0.86 -15.88
CA LEU A 236 -19.53 1.79 -15.16
C LEU A 236 -20.14 2.14 -13.80
N TRP A 237 -21.45 2.37 -13.76
CA TRP A 237 -22.07 2.84 -12.53
C TRP A 237 -22.04 1.74 -11.48
N ASP A 238 -22.24 0.50 -11.93
CA ASP A 238 -22.15 -0.66 -11.04
C ASP A 238 -20.75 -0.80 -10.45
N ILE A 239 -19.73 -0.67 -11.29
CA ILE A 239 -18.35 -0.87 -10.80
C ILE A 239 -17.98 0.27 -9.84
N MET A 240 -18.50 1.48 -10.06
CA MET A 240 -18.23 2.57 -9.11
C MET A 240 -18.78 2.26 -7.71
N LYS A 241 -19.97 1.66 -7.66
CA LYS A 241 -20.52 1.19 -6.40
C LYS A 241 -19.61 0.16 -5.73
N VAL A 242 -19.10 -0.80 -6.50
CA VAL A 242 -18.15 -1.77 -5.96
C VAL A 242 -16.94 -1.04 -5.37
N GLU A 243 -16.37 -0.12 -6.14
CA GLU A 243 -15.16 0.60 -5.71
C GLU A 243 -15.37 1.31 -4.36
N GLU A 244 -16.48 2.05 -4.23
CA GLU A 244 -16.68 2.79 -2.99
C GLU A 244 -16.97 1.86 -1.80
N GLU A 245 -17.65 0.74 -2.04
CA GLU A 245 -17.94 -0.20 -0.97
C GLU A 245 -16.64 -0.87 -0.51
N LEU A 246 -15.81 -1.28 -1.46
CA LEU A 246 -14.55 -1.91 -1.13
C LEU A 246 -13.60 -0.97 -0.38
N VAL A 247 -13.39 0.22 -0.94
CA VAL A 247 -12.47 1.17 -0.30
C VAL A 247 -12.97 1.59 1.08
N SER A 248 -14.28 1.81 1.21
CA SER A 248 -14.84 2.16 2.53
C SER A 248 -14.60 1.04 3.53
N TYR A 249 -14.83 -0.20 3.11
CA TYR A 249 -14.61 -1.30 4.03
C TYR A 249 -13.12 -1.39 4.41
N MET A 250 -12.24 -1.27 3.42
CA MET A 250 -10.80 -1.30 3.71
C MET A 250 -10.42 -0.25 4.73
N VAL A 251 -10.90 0.98 4.54
CA VAL A 251 -10.50 2.08 5.40
C VAL A 251 -11.15 1.90 6.80
N GLN A 252 -12.43 1.55 6.85
CA GLN A 252 -13.08 1.44 8.16
C GLN A 252 -12.53 0.28 9.00
N ARG A 253 -12.26 -0.85 8.34
CA ARG A 253 -11.68 -2.01 9.01
C ARG A 253 -10.27 -1.69 9.52
N THR A 254 -9.52 -0.92 8.74
CA THR A 254 -8.16 -0.54 9.15
C THR A 254 -8.21 0.50 10.29
N LEU A 255 -9.18 1.42 10.25
CA LEU A 255 -9.39 2.32 11.42
C LEU A 255 -9.71 1.54 12.68
N GLU A 256 -10.54 0.50 12.56
CA GLU A 256 -10.92 -0.36 13.67
C GLU A 256 -9.71 -1.04 14.32
N LEU A 257 -8.81 -1.54 13.47
CA LEU A 257 -7.74 -2.44 13.94
C LEU A 257 -6.41 -1.76 14.18
N ARG A 258 -6.14 -0.69 13.42
CA ARG A 258 -4.82 -0.06 13.36
C ARG A 258 -4.86 1.41 13.79
N LYS A 259 -5.78 1.76 14.68
CA LYS A 259 -5.86 3.15 15.15
C LYS A 259 -4.52 3.64 15.70
N LYS A 260 -3.85 2.79 16.47
CA LYS A 260 -2.58 3.16 17.09
C LYS A 260 -1.54 3.51 16.02
N GLU A 261 -1.44 2.68 14.99
CA GLU A 261 -0.48 2.96 13.94
C GLU A 261 -0.86 4.22 13.18
N ILE A 262 -2.15 4.38 12.87
CA ILE A 262 -2.54 5.55 12.09
C ILE A 262 -2.25 6.84 12.87
N GLU A 263 -2.45 6.80 14.18
CA GLU A 263 -2.22 8.01 15.00
C GLU A 263 -0.74 8.38 15.11
N MET A 264 0.15 7.47 14.72
CA MET A 264 1.58 7.85 14.60
C MET A 264 1.82 8.82 13.44
N PHE A 265 0.90 8.83 12.48
CA PHE A 265 1.08 9.54 11.22
C PHE A 265 0.12 10.71 11.00
N ARG A 266 -1.03 10.65 11.66
CA ARG A 266 -2.07 11.64 11.46
C ARG A 266 -2.51 12.31 12.75
N ASP A 267 -2.64 13.63 12.67
CA ASP A 267 -3.27 14.40 13.75
C ASP A 267 -4.79 14.42 13.58
N ASP A 268 -5.25 14.18 12.37
CA ASP A 268 -6.68 14.31 12.04
C ASP A 268 -7.15 13.11 11.23
N LEU A 269 -8.08 12.35 11.80
CA LEU A 269 -8.66 11.15 11.16
C LEU A 269 -9.96 11.44 10.40
N THR A 270 -10.37 12.70 10.36
CA THR A 270 -11.67 13.06 9.79
C THR A 270 -11.94 12.48 8.40
N THR A 271 -11.00 12.66 7.46
CA THR A 271 -11.25 12.19 6.08
C THR A 271 -11.38 10.67 6.03
N LEU A 272 -10.66 9.96 6.90
CA LEU A 272 -10.80 8.51 6.98
C LEU A 272 -12.17 8.12 7.53
N LYS A 273 -12.58 8.80 8.60
CA LYS A 273 -13.89 8.53 9.19
C LYS A 273 -14.99 8.82 8.19
N ASN A 274 -14.77 9.82 7.33
CA ASN A 274 -15.75 10.21 6.30
C ASN A 274 -15.87 9.21 5.15
N THR A 275 -14.98 8.21 5.11
CA THR A 275 -14.90 7.31 3.96
C THR A 275 -15.93 6.19 4.08
N GLU A 276 -17.16 6.53 3.72
CA GLU A 276 -18.31 5.61 3.67
C GLU A 276 -19.09 5.97 2.42
N PRO A 277 -19.78 5.01 1.80
CA PRO A 277 -20.62 5.34 0.64
C PRO A 277 -21.82 6.21 1.07
N PRO A 278 -22.33 7.08 0.18
CA PRO A 278 -21.86 7.24 -1.19
C PRO A 278 -20.76 8.31 -1.31
N PHE A 279 -19.72 8.01 -2.07
CA PHE A 279 -18.71 9.04 -2.36
C PHE A 279 -19.27 10.08 -3.33
N PRO A 280 -18.84 11.34 -3.19
CA PRO A 280 -19.20 12.36 -4.18
C PRO A 280 -18.75 11.94 -5.57
N ARG A 281 -19.56 12.29 -6.57
CA ARG A 281 -19.27 12.02 -7.98
C ARG A 281 -19.39 13.33 -8.74
N ILE A 282 -18.33 13.69 -9.46
CA ILE A 282 -18.39 14.79 -10.41
C ILE A 282 -17.97 14.32 -11.79
N SER A 283 -18.57 14.90 -12.82
CA SER A 283 -18.11 14.61 -14.17
C SER A 283 -16.78 15.31 -14.43
N TYR A 284 -16.06 14.81 -15.41
CA TYR A 284 -14.86 15.50 -15.89
C TYR A 284 -15.22 16.93 -16.30
N ASP A 285 -16.39 17.10 -16.91
CA ASP A 285 -16.86 18.45 -17.29
C ASP A 285 -16.91 19.36 -16.06
N GLU A 286 -17.52 18.85 -14.99
CA GLU A 286 -17.61 19.58 -13.72
C GLU A 286 -16.24 19.85 -13.14
N ALA A 287 -15.33 18.87 -13.23
CA ALA A 287 -13.96 19.05 -12.75
C ALA A 287 -13.27 20.21 -13.46
N ILE A 288 -13.42 20.26 -14.78
CA ILE A 288 -12.84 21.36 -15.59
C ILE A 288 -13.39 22.71 -15.13
N ASP A 289 -14.71 22.78 -14.94
CA ASP A 289 -15.36 24.01 -14.48
C ASP A 289 -14.87 24.43 -13.10
N ILE A 290 -14.80 23.49 -12.15
CA ILE A 290 -14.25 23.77 -10.81
C ILE A 290 -12.83 24.32 -10.94
N LEU A 291 -11.98 23.64 -11.71
CA LEU A 291 -10.59 24.05 -11.92
C LEU A 291 -10.45 25.44 -12.55
N GLN A 292 -11.20 25.69 -13.62
CA GLN A 292 -11.20 27.00 -14.29
C GLN A 292 -11.67 28.10 -13.34
N SER A 293 -12.62 27.77 -12.48
CA SER A 293 -13.15 28.73 -11.52
C SER A 293 -12.14 29.12 -10.44
N LYS A 294 -11.15 28.26 -10.21
CA LYS A 294 -10.11 28.51 -9.22
C LYS A 294 -8.83 29.04 -9.88
N GLY A 295 -8.93 29.42 -11.16
CA GLY A 295 -7.83 30.03 -11.90
C GLY A 295 -6.85 29.09 -12.58
N VAL A 296 -7.20 27.80 -12.63
CA VAL A 296 -6.31 26.82 -13.27
C VAL A 296 -6.46 26.86 -14.79
N ASN A 297 -5.32 26.91 -15.50
CA ASN A 297 -5.32 26.97 -16.95
C ASN A 297 -5.49 25.59 -17.55
N VAL A 298 -6.73 25.10 -17.51
CA VAL A 298 -7.04 23.79 -18.10
C VAL A 298 -8.15 23.93 -19.14
N GLU A 299 -7.99 23.22 -20.25
CA GLU A 299 -8.98 23.22 -21.32
C GLU A 299 -9.65 21.85 -21.40
N TRP A 300 -10.93 21.82 -21.75
CA TRP A 300 -11.61 20.55 -21.98
C TRP A 300 -10.83 19.74 -23.01
N GLY A 301 -10.58 18.47 -22.66
CA GLY A 301 -9.79 17.57 -23.48
C GLY A 301 -8.41 17.31 -22.90
N ASP A 302 -7.96 18.21 -22.02
CA ASP A 302 -6.66 18.07 -21.38
C ASP A 302 -6.72 17.02 -20.29
N ASP A 303 -5.60 16.33 -20.10
CA ASP A 303 -5.45 15.42 -19.01
C ASP A 303 -5.42 16.17 -17.68
N LEU A 304 -5.97 15.54 -16.65
CA LEU A 304 -5.85 16.07 -15.30
C LEU A 304 -4.59 15.46 -14.69
N GLY A 305 -3.53 16.25 -14.67
CA GLY A 305 -2.26 15.83 -14.07
C GLY A 305 -2.31 15.91 -12.55
N ALA A 306 -1.21 15.55 -11.91
CA ALA A 306 -1.16 15.52 -10.45
C ALA A 306 -1.48 16.88 -9.82
N ASP A 307 -1.01 17.96 -10.43
CA ASP A 307 -1.25 19.30 -9.88
C ASP A 307 -2.72 19.74 -10.04
N GLU A 308 -3.34 19.36 -11.16
CA GLU A 308 -4.77 19.61 -11.37
C GLU A 308 -5.56 18.82 -10.35
N GLU A 309 -5.20 17.55 -10.16
CA GLU A 309 -5.91 16.71 -9.20
C GLU A 309 -5.77 17.30 -7.80
N ARG A 310 -4.57 17.79 -7.48
CA ARG A 310 -4.32 18.39 -6.16
C ARG A 310 -5.29 19.52 -5.83
N VAL A 311 -5.41 20.48 -6.75
CA VAL A 311 -6.33 21.60 -6.56
C VAL A 311 -7.77 21.11 -6.45
N LEU A 312 -8.15 20.19 -7.34
CA LEU A 312 -9.48 19.61 -7.32
C LEU A 312 -9.84 18.99 -5.96
N THR A 313 -8.88 18.32 -5.32
CA THR A 313 -9.17 17.68 -4.01
C THR A 313 -9.54 18.66 -2.89
N GLU A 314 -9.18 19.94 -3.07
CA GLU A 314 -9.46 20.98 -2.08
C GLU A 314 -10.94 21.07 -1.75
N GLU A 315 -11.78 20.65 -2.69
CA GLU A 315 -13.22 20.79 -2.58
C GLU A 315 -13.89 19.60 -1.93
N PHE A 316 -13.09 18.63 -1.49
CA PHE A 316 -13.62 17.35 -0.97
C PHE A 316 -13.00 16.93 0.35
N ASP A 317 -13.79 16.24 1.17
CA ASP A 317 -13.34 15.83 2.51
C ASP A 317 -13.35 14.30 2.70
N ARG A 318 -13.34 13.61 1.56
CA ARG A 318 -13.35 12.15 1.48
C ARG A 318 -13.04 11.77 0.03
N PRO A 319 -12.76 10.51 -0.26
CA PRO A 319 -12.53 10.13 -1.66
C PRO A 319 -13.73 10.44 -2.53
N PHE A 320 -13.46 10.74 -3.80
CA PHE A 320 -14.49 11.14 -4.73
C PHE A 320 -14.19 10.63 -6.11
N PHE A 321 -15.23 10.54 -6.94
CA PHE A 321 -15.08 10.06 -8.29
C PHE A 321 -15.09 11.21 -9.29
N VAL A 322 -14.28 11.09 -10.33
CA VAL A 322 -14.39 11.89 -11.55
C VAL A 322 -14.72 10.90 -12.68
N TYR A 323 -15.77 11.18 -13.44
CA TYR A 323 -16.23 10.24 -14.47
C TYR A 323 -16.47 10.92 -15.83
N GLY A 324 -16.43 10.12 -16.89
CA GLY A 324 -16.79 10.57 -18.23
C GLY A 324 -15.70 11.42 -18.87
N TYR A 325 -14.56 10.79 -19.12
CA TYR A 325 -13.38 11.49 -19.62
C TYR A 325 -13.40 11.57 -21.14
N PRO A 326 -12.73 12.59 -21.69
CA PRO A 326 -12.49 12.62 -23.14
C PRO A 326 -11.81 11.33 -23.60
N LYS A 327 -12.30 10.78 -24.71
CA LYS A 327 -11.85 9.49 -25.22
C LYS A 327 -10.34 9.44 -25.38
N HIS A 328 -9.75 10.50 -25.95
CA HIS A 328 -8.37 10.38 -26.38
C HIS A 328 -7.30 10.63 -25.32
N ILE A 329 -7.70 10.85 -24.07
CA ILE A 329 -6.75 10.84 -22.96
C ILE A 329 -6.88 9.59 -22.12
N LYS A 330 -7.65 8.63 -22.63
CA LYS A 330 -7.87 7.37 -21.94
C LYS A 330 -7.51 6.17 -22.80
N ALA A 331 -7.35 5.01 -22.16
CA ALA A 331 -6.84 3.81 -22.81
C ALA A 331 -7.76 3.24 -23.89
N PHE A 332 -7.15 2.47 -24.79
CA PHE A 332 -7.82 1.94 -25.98
C PHE A 332 -9.04 1.04 -25.71
N TYR A 333 -9.08 0.43 -24.53
CA TYR A 333 -10.09 -0.60 -24.24
C TYR A 333 -11.40 -0.06 -23.67
N MET A 334 -11.49 1.26 -23.49
CA MET A 334 -12.63 1.80 -22.79
C MET A 334 -13.84 1.99 -23.69
N LYS A 335 -15.02 1.70 -23.15
CA LYS A 335 -16.26 1.83 -23.90
C LYS A 335 -16.63 3.30 -24.07
N GLU A 336 -17.04 3.68 -25.28
CA GLU A 336 -17.56 5.05 -25.50
C GLU A 336 -18.84 5.27 -24.75
N ASP A 337 -19.04 6.50 -24.27
CA ASP A 337 -20.30 6.92 -23.71
C ASP A 337 -21.32 6.94 -24.88
N PRO A 338 -22.39 6.15 -24.78
CA PRO A 338 -23.36 6.03 -25.87
C PRO A 338 -24.13 7.34 -26.09
N ASN A 339 -24.25 8.14 -25.03
CA ASN A 339 -24.91 9.45 -25.11
C ASN A 339 -24.01 10.52 -25.70
N ASP A 340 -22.70 10.34 -25.52
CA ASP A 340 -21.75 11.31 -26.03
C ASP A 340 -20.43 10.62 -26.37
N PRO A 341 -20.30 10.13 -27.60
CA PRO A 341 -19.12 9.36 -28.03
C PRO A 341 -17.79 10.14 -28.00
N ARG A 342 -17.82 11.43 -27.68
CA ARG A 342 -16.57 12.16 -27.46
C ARG A 342 -15.90 11.71 -26.16
N LYS A 343 -16.71 11.08 -25.31
CA LYS A 343 -16.28 10.62 -23.97
C LYS A 343 -16.28 9.11 -23.88
N VAL A 344 -15.57 8.61 -22.85
CA VAL A 344 -15.59 7.19 -22.53
C VAL A 344 -16.12 6.97 -21.13
N LEU A 345 -16.64 5.78 -20.90
CA LEU A 345 -17.22 5.40 -19.62
C LEU A 345 -16.11 4.97 -18.67
N ALA A 346 -15.33 5.97 -18.25
CA ALA A 346 -14.21 5.81 -17.32
C ALA A 346 -14.47 6.58 -16.05
N SER A 347 -13.94 6.08 -14.95
CA SER A 347 -13.91 6.91 -13.75
C SER A 347 -12.62 6.67 -13.01
N ASP A 348 -12.12 7.73 -12.39
CA ASP A 348 -11.03 7.62 -11.43
C ASP A 348 -11.55 7.98 -10.05
N MET A 349 -11.00 7.33 -9.02
CA MET A 349 -11.31 7.70 -7.64
C MET A 349 -10.10 8.43 -7.08
N LEU A 350 -10.33 9.64 -6.59
CA LEU A 350 -9.27 10.50 -6.07
C LEU A 350 -9.38 10.58 -4.55
N ALA A 351 -8.24 10.49 -3.87
CA ALA A 351 -8.20 10.73 -2.44
C ALA A 351 -8.08 12.22 -2.16
N PRO A 352 -8.62 12.68 -1.04
CA PRO A 352 -8.56 14.11 -0.69
C PRO A 352 -7.17 14.50 -0.16
N GLU A 353 -7.06 15.71 0.37
CA GLU A 353 -5.81 16.17 1.00
C GLU A 353 -4.62 16.14 0.04
N GLY A 354 -4.91 16.35 -1.25
CA GLY A 354 -3.87 16.47 -2.25
C GLY A 354 -3.41 15.17 -2.88
N TYR A 355 -3.89 14.03 -2.38
CA TYR A 355 -3.36 12.73 -2.80
C TYR A 355 -3.75 12.35 -4.24
N GLY A 356 -4.98 12.63 -4.65
CA GLY A 356 -5.35 12.36 -6.05
C GLY A 356 -5.58 10.87 -6.29
N GLU A 357 -5.33 10.44 -7.53
CA GLU A 357 -5.85 9.14 -7.99
C GLU A 357 -5.37 7.92 -7.18
N ILE A 358 -6.32 7.16 -6.65
CA ILE A 358 -6.03 5.85 -6.05
C ILE A 358 -6.61 4.68 -6.84
N ILE A 359 -7.65 4.92 -7.63
CA ILE A 359 -8.23 3.89 -8.52
C ILE A 359 -8.45 4.46 -9.91
N GLY A 360 -8.11 3.66 -10.92
CA GLY A 360 -8.52 3.92 -12.31
C GLY A 360 -9.36 2.74 -12.77
N GLY A 361 -10.55 3.02 -13.31
CA GLY A 361 -11.40 1.95 -13.82
C GLY A 361 -12.24 2.40 -15.02
N SER A 362 -12.94 1.44 -15.62
CA SER A 362 -13.85 1.78 -16.70
C SER A 362 -14.78 0.64 -17.02
N GLN A 363 -15.82 0.97 -17.78
CA GLN A 363 -16.55 -0.07 -18.51
C GLN A 363 -15.73 -0.39 -19.78
N ARG A 364 -15.71 -1.66 -20.16
CA ARG A 364 -14.85 -2.08 -21.26
C ARG A 364 -15.63 -2.13 -22.58
N GLU A 365 -14.93 -1.88 -23.68
CA GLU A 365 -15.58 -2.01 -24.96
C GLU A 365 -15.94 -3.49 -25.17
N ASP A 366 -17.21 -3.74 -25.50
CA ASP A 366 -17.69 -5.11 -25.67
C ASP A 366 -18.09 -5.42 -27.12
N ASP A 367 -17.94 -4.44 -27.99
CA ASP A 367 -18.19 -4.66 -29.41
C ASP A 367 -16.89 -4.90 -30.17
N TYR A 368 -16.85 -6.02 -30.89
CA TYR A 368 -15.64 -6.40 -31.63
C TYR A 368 -15.15 -5.32 -32.61
N ASP A 369 -16.06 -4.84 -33.46
CA ASP A 369 -15.66 -3.89 -34.51
C ASP A 369 -15.12 -2.59 -33.91
N LYS A 370 -15.78 -2.09 -32.87
CA LYS A 370 -15.33 -0.86 -32.20
C LYS A 370 -13.95 -1.03 -31.57
N LEU A 371 -13.73 -2.15 -30.88
CA LEU A 371 -12.45 -2.39 -30.25
C LEU A 371 -11.32 -2.49 -31.28
N LEU A 372 -11.57 -3.24 -32.36
CA LEU A 372 -10.57 -3.41 -33.39
C LEU A 372 -10.20 -2.06 -34.01
N ASN A 373 -11.22 -1.25 -34.29
CA ASN A 373 -11.00 0.07 -34.85
C ASN A 373 -10.13 0.92 -33.93
N ARG A 374 -10.39 0.85 -32.63
CA ARG A 374 -9.63 1.62 -31.66
C ARG A 374 -8.17 1.18 -31.58
N ILE A 375 -7.94 -0.13 -31.59
CA ILE A 375 -6.57 -0.69 -31.63
C ILE A 375 -5.82 -0.13 -32.85
N LEU A 376 -6.48 -0.15 -34.01
CA LEU A 376 -5.88 0.37 -35.25
C LEU A 376 -5.59 1.87 -35.18
N GLU A 377 -6.56 2.64 -34.67
CA GLU A 377 -6.41 4.10 -34.49
C GLU A 377 -5.23 4.48 -33.60
N GLU A 378 -4.96 3.66 -32.59
CA GLU A 378 -3.87 3.91 -31.65
C GLU A 378 -2.51 3.39 -32.15
N GLY A 379 -2.47 2.88 -33.39
CA GLY A 379 -1.23 2.36 -33.97
C GLY A 379 -0.76 1.07 -33.32
N MET A 380 -1.69 0.34 -32.72
CA MET A 380 -1.37 -0.95 -32.11
C MET A 380 -1.55 -2.06 -33.14
N ASP A 381 -0.85 -3.17 -32.93
CA ASP A 381 -0.92 -4.32 -33.82
C ASP A 381 -1.98 -5.30 -33.30
N PRO A 382 -3.09 -5.47 -34.03
CA PRO A 382 -4.17 -6.36 -33.60
C PRO A 382 -3.67 -7.77 -33.32
N LYS A 383 -2.60 -8.19 -34.00
CA LYS A 383 -2.02 -9.51 -33.77
C LYS A 383 -1.60 -9.73 -32.32
N ASP A 384 -1.13 -8.69 -31.66
CA ASP A 384 -0.72 -8.78 -30.25
C ASP A 384 -1.93 -8.89 -29.32
N TYR A 385 -3.11 -8.62 -29.85
CA TYR A 385 -4.33 -8.56 -29.07
C TYR A 385 -5.42 -9.47 -29.59
N GLU A 386 -5.06 -10.41 -30.46
CA GLU A 386 -6.07 -11.27 -31.08
C GLU A 386 -6.88 -12.01 -30.01
N TRP A 387 -6.20 -12.50 -28.98
CA TRP A 387 -6.88 -13.24 -27.92
C TRP A 387 -7.85 -12.34 -27.17
N TYR A 388 -7.52 -11.07 -27.02
CA TYR A 388 -8.35 -10.10 -26.33
C TYR A 388 -9.58 -9.75 -27.18
N LEU A 389 -9.36 -9.62 -28.48
CA LEU A 389 -10.45 -9.47 -29.44
C LEU A 389 -11.38 -10.69 -29.46
N ASP A 390 -10.81 -11.88 -29.26
CA ASP A 390 -11.60 -13.13 -29.17
C ASP A 390 -12.70 -13.04 -28.10
N LEU A 391 -12.42 -12.32 -27.02
CA LEU A 391 -13.43 -12.14 -25.97
C LEU A 391 -14.68 -11.37 -26.43
N ARG A 392 -14.56 -10.69 -27.57
CA ARG A 392 -15.69 -10.01 -28.19
C ARG A 392 -16.32 -10.84 -29.33
N ARG A 393 -15.80 -12.05 -29.53
CA ARG A 393 -16.27 -12.93 -30.61
C ARG A 393 -17.04 -14.15 -30.05
N TYR A 394 -16.67 -14.59 -28.86
CA TYR A 394 -17.19 -15.87 -28.35
C TYR A 394 -18.08 -15.71 -27.11
N GLY A 395 -19.11 -14.88 -27.23
CA GLY A 395 -20.09 -14.71 -26.18
C GLY A 395 -19.80 -13.46 -25.37
N SER A 396 -19.50 -12.37 -26.09
CA SER A 396 -19.27 -11.08 -25.46
C SER A 396 -20.37 -10.71 -24.46
N VAL A 397 -19.98 -10.10 -23.35
CA VAL A 397 -20.97 -9.56 -22.41
C VAL A 397 -20.47 -8.18 -21.96
N PRO A 398 -21.38 -7.31 -21.52
CA PRO A 398 -20.93 -6.04 -20.95
C PRO A 398 -20.14 -6.37 -19.70
N HIS A 399 -19.08 -5.60 -19.44
CA HIS A 399 -18.29 -5.81 -18.23
C HIS A 399 -17.46 -4.59 -17.93
N SER A 400 -17.01 -4.51 -16.67
CA SER A 400 -16.29 -3.35 -16.17
C SER A 400 -15.31 -3.83 -15.11
N GLY A 401 -14.32 -2.99 -14.81
CA GLY A 401 -13.36 -3.34 -13.78
C GLY A 401 -12.52 -2.11 -13.42
N PHE A 402 -11.55 -2.32 -12.54
CA PHE A 402 -10.72 -1.25 -12.04
C PHE A 402 -9.47 -1.78 -11.37
N GLY A 403 -8.51 -0.88 -11.16
CA GLY A 403 -7.29 -1.20 -10.44
C GLY A 403 -7.04 -0.16 -9.37
N LEU A 404 -6.71 -0.64 -8.17
CA LEU A 404 -6.33 0.16 -7.03
C LEU A 404 -4.82 0.05 -6.78
N GLY A 405 -4.15 1.21 -6.62
CA GLY A 405 -2.75 1.25 -6.26
C GLY A 405 -2.62 1.14 -4.74
N VAL A 406 -2.08 0.02 -4.26
CA VAL A 406 -2.06 -0.22 -2.82
C VAL A 406 -1.18 0.83 -2.11
N GLU A 407 -0.01 1.12 -2.70
CA GLU A 407 0.89 2.10 -2.10
C GLU A 407 0.26 3.49 -2.11
N ARG A 408 -0.45 3.83 -3.19
CA ARG A 408 -1.15 5.12 -3.22
C ARG A 408 -2.16 5.21 -2.09
N LEU A 409 -2.89 4.13 -1.87
CA LEU A 409 -3.86 4.14 -0.77
C LEU A 409 -3.18 4.28 0.59
N VAL A 410 -2.12 3.48 0.83
CA VAL A 410 -1.39 3.57 2.09
C VAL A 410 -0.85 4.99 2.30
N ALA A 411 -0.34 5.62 1.25
CA ALA A 411 0.23 6.96 1.38
C ALA A 411 -0.83 7.96 1.81
N TRP A 412 -2.04 7.84 1.27
CA TRP A 412 -3.11 8.73 1.73
C TRP A 412 -3.54 8.42 3.16
N VAL A 413 -3.80 7.15 3.47
CA VAL A 413 -4.23 6.76 4.82
C VAL A 413 -3.27 7.28 5.89
N LEU A 414 -1.96 7.24 5.59
CA LEU A 414 -0.95 7.64 6.59
C LEU A 414 -0.33 9.01 6.31
N LYS A 415 -0.92 9.75 5.37
CA LYS A 415 -0.41 11.07 5.00
C LYS A 415 1.10 11.06 4.83
N LEU A 416 1.59 10.10 4.05
CA LEU A 416 3.02 9.98 3.77
C LEU A 416 3.49 11.08 2.82
N ASP A 417 4.74 11.48 2.97
CA ASP A 417 5.30 12.52 2.08
C ASP A 417 5.80 12.02 0.73
N HIS A 418 5.83 10.69 0.55
CA HIS A 418 6.30 10.09 -0.68
C HIS A 418 5.81 8.66 -0.67
N ILE A 419 5.31 8.21 -1.80
CA ILE A 419 4.77 6.87 -1.96
C ILE A 419 5.82 5.78 -1.65
N ARG A 420 7.10 6.11 -1.81
CA ARG A 420 8.15 5.13 -1.61
C ARG A 420 8.11 4.51 -0.23
N TRP A 421 7.64 5.26 0.77
CA TRP A 421 7.69 4.77 2.15
C TRP A 421 6.64 3.68 2.40
N ALA A 422 5.71 3.53 1.45
CA ALA A 422 4.67 2.50 1.53
C ALA A 422 5.06 1.18 0.87
N ALA A 423 6.24 1.13 0.27
CA ALA A 423 6.78 -0.11 -0.33
C ALA A 423 7.82 -0.69 0.59
N LEU A 424 7.84 -2.01 0.75
CA LEU A 424 8.84 -2.61 1.64
C LEU A 424 10.26 -2.23 1.17
N PHE A 425 10.53 -2.48 -0.11
CA PHE A 425 11.79 -2.08 -0.75
C PHE A 425 11.44 -1.32 -2.01
N PRO A 426 11.27 0.00 -1.90
CA PRO A 426 10.77 0.77 -3.06
C PRO A 426 11.68 0.73 -4.28
N ARG A 427 11.04 0.75 -5.45
CA ARG A 427 11.72 0.75 -6.72
C ARG A 427 11.32 2.04 -7.43
N THR A 428 12.34 2.82 -7.80
CA THR A 428 12.14 4.08 -8.53
C THR A 428 13.26 4.11 -9.57
N PRO A 429 13.24 5.03 -10.52
CA PRO A 429 14.24 4.99 -11.62
C PRO A 429 15.71 4.94 -11.20
N ALA A 430 16.06 5.59 -10.10
CA ALA A 430 17.44 5.58 -9.59
C ALA A 430 17.69 4.59 -8.44
N ARG A 431 16.64 3.86 -8.03
CA ARG A 431 16.74 3.00 -6.85
C ARG A 431 16.31 1.57 -7.16
N LEU A 432 17.29 0.67 -7.09
CA LEU A 432 17.11 -0.74 -7.32
C LEU A 432 17.63 -1.59 -6.14
N TYR A 433 18.34 -0.95 -5.21
CA TYR A 433 19.11 -1.64 -4.17
C TYR A 433 18.87 -0.90 -2.85
N PRO A 434 18.77 -1.59 -1.70
CA PRO A 434 18.85 -3.05 -1.58
C PRO A 434 17.71 -3.79 -2.24
MG MG B . -5.01 6.10 -14.06
O2P 4AD C . -4.92 4.05 -13.79
P 4AD C . -4.08 2.84 -14.04
O1P 4AD C . -2.89 2.93 -14.97
O3P 4AD C . -5.12 1.75 -14.62
C 4AD C . -4.82 0.40 -14.99
O 4AD C . -3.67 -0.06 -15.01
CA 4AD C . -6.03 -0.39 -15.35
N 4AD C . -5.69 -1.43 -16.29
CB 4AD C . -6.54 -0.95 -14.02
CG 4AD C . -7.77 -1.79 -14.23
OD1 4AD C . -8.78 -1.28 -14.71
ND2 4AD C . -7.69 -3.07 -13.87
O5' 4AD C . -3.54 2.18 -12.68
C5' 4AD C . -4.47 1.80 -11.65
C4' 4AD C . -3.94 2.37 -10.35
C3' 4AD C . -3.83 3.90 -10.31
O3' 4AD C . -5.08 4.49 -9.94
C2' 4AD C . -2.78 4.12 -9.24
O2' 4AD C . -3.41 4.00 -7.95
C1' 4AD C . -1.86 2.93 -9.42
O4' 4AD C . -2.60 1.93 -10.11
N9 4AD C . -0.60 3.26 -10.14
C4 4AD C . 0.60 3.46 -9.63
N3 4AD C . 1.04 3.42 -8.36
C2 4AD C . 2.34 3.65 -8.13
N1 4AD C . 3.18 3.92 -9.15
C6 4AD C . 2.78 4.00 -10.45
N6 4AD C . 3.69 4.27 -11.41
C5 4AD C . 1.44 3.76 -10.74
N7 4AD C . 0.72 3.74 -11.91
C8 4AD C . -0.67 3.42 -11.58
C1 MPD D . -23.78 -5.54 -26.54
C2 MPD D . -22.59 -6.41 -26.92
O2 MPD D . -21.59 -5.55 -27.51
CM MPD D . -22.02 -7.06 -25.66
C3 MPD D . -23.05 -7.50 -27.90
C4 MPD D . -22.24 -7.64 -29.19
O4 MPD D . -20.89 -7.90 -28.91
C5 MPD D . -22.81 -8.77 -30.05
#